data_6JKD
#
_entry.id   6JKD
#
_cell.length_a   115.150
_cell.length_b   115.150
_cell.length_c   110.100
_cell.angle_alpha   90.000
_cell.angle_beta   90.000
_cell.angle_gamma   90.000
#
_symmetry.space_group_name_H-M   'I 4'
#
_entity_poly.entity_id   1
_entity_poly.type   'polypeptide(L)'
_entity_poly.pdbx_seq_one_letter_code
;MTLGTNQVSKTHSFMTVSLIELWERFGYYGMQALIVYFMVQRLGFDDSRANLVWSACAALIYVSPAIGGWVGDKILGTKR
TMLLGAGILSVGYALMTVPTENTWFMFSALGVIVVGNGLFKPNAGNLVRKIYEGDDSKIDSAFTIYYMAVNVGSTFSMLL
TPWIKDYVNAQYGNEFGWHAAFAVCCVGILVGLGNYALMHKSLANYGSEPDTRPVNKKSLAIVLALAALSVVASAIILEY
EDVARVFVYAAGVAVLGIFFHLIRTSEPSERAGLIAALILTVQTVFFFIFYQQMSTSLALFALRNVDWDFQVFGTHLWTW
SPAQFQALNPIWIMVLSPVLAWSYSWAGRNNKDFSIAAKFALGFAVVAIGFFIYGFAGQFAVNGKTSSWVMIWGYASYSL
GELLVSGLGLAMIARYVPARMGGFMMGAYFVASGISQYLGGVVANFASVPQDLVDPLQTLPVYTNLFNKLGVAAVVCTII
ALAVLPLMRRLTESHHAHSSIENNAAASLRDVKAEQLESSGENLYFQ
;
_entity_poly.pdbx_strand_id   A
#
# COMPACT_ATOMS: atom_id res chain seq x y z
N VAL A 8 -12.69 33.37 1.88
CA VAL A 8 -12.77 32.25 2.82
C VAL A 8 -11.42 31.57 2.97
N SER A 9 -11.06 31.26 4.23
CA SER A 9 -9.82 30.57 4.54
C SER A 9 -10.00 29.07 4.69
N LYS A 10 -10.93 28.48 3.92
CA LYS A 10 -11.06 27.03 3.86
C LYS A 10 -9.77 26.38 3.39
N THR A 11 -8.94 27.13 2.66
CA THR A 11 -7.61 26.64 2.29
C THR A 11 -6.78 26.31 3.53
N HIS A 12 -6.94 27.10 4.59
CA HIS A 12 -6.14 26.89 5.80
C HIS A 12 -6.59 25.67 6.58
N SER A 13 -7.90 25.43 6.65
CA SER A 13 -8.38 24.17 7.20
C SER A 13 -7.85 22.99 6.38
N PHE A 14 -7.77 23.17 5.06
CA PHE A 14 -7.21 22.14 4.20
C PHE A 14 -5.72 21.96 4.41
N MET A 15 -5.01 23.03 4.78
CA MET A 15 -3.58 22.91 5.05
C MET A 15 -3.32 22.12 6.32
N THR A 16 -4.17 22.30 7.35
CA THR A 16 -3.96 21.59 8.61
C THR A 16 -4.19 20.09 8.46
N VAL A 17 -5.26 19.69 7.75
CA VAL A 17 -5.50 18.27 7.55
C VAL A 17 -4.45 17.68 6.60
N SER A 18 -3.97 18.47 5.64
CA SER A 18 -2.92 17.98 4.76
C SER A 18 -1.61 17.79 5.52
N LEU A 19 -1.36 18.61 6.54
CA LEU A 19 -0.13 18.47 7.33
C LEU A 19 -0.17 17.21 8.18
N ILE A 20 -1.29 16.96 8.87
CA ILE A 20 -1.39 15.76 9.69
C ILE A 20 -1.47 14.51 8.82
N GLU A 21 -2.07 14.62 7.63
CA GLU A 21 -2.08 13.48 6.72
C GLU A 21 -0.68 13.20 6.18
N LEU A 22 0.07 14.25 5.84
CA LEU A 22 1.44 14.05 5.35
C LEU A 22 2.29 13.33 6.38
N TRP A 23 2.19 13.72 7.65
CA TRP A 23 2.99 13.08 8.68
C TRP A 23 2.54 11.65 8.96
N GLU A 24 1.26 11.35 8.76
CA GLU A 24 0.81 9.98 8.93
C GLU A 24 1.36 9.07 7.85
N ARG A 25 1.22 9.49 6.58
CA ARG A 25 1.81 8.73 5.48
C ARG A 25 3.33 8.68 5.60
N PHE A 26 3.93 9.71 6.20
CA PHE A 26 5.35 9.66 6.55
C PHE A 26 5.63 8.46 7.45
N GLY A 27 4.84 8.32 8.52
CA GLY A 27 5.06 7.21 9.43
C GLY A 27 4.79 5.86 8.80
N TYR A 28 3.71 5.76 8.02
CA TYR A 28 3.31 4.46 7.50
C TYR A 28 4.29 3.96 6.44
N TYR A 29 4.66 4.81 5.48
CA TYR A 29 5.53 4.37 4.40
C TYR A 29 6.97 4.24 4.85
N GLY A 30 7.40 5.02 5.85
CA GLY A 30 8.67 4.74 6.49
C GLY A 30 8.71 3.39 7.16
N MET A 31 7.55 2.84 7.51
CA MET A 31 7.44 1.51 8.08
C MET A 31 7.26 0.44 7.01
N GLN A 32 6.51 0.75 5.94
CA GLN A 32 6.27 -0.25 4.90
C GLN A 32 7.53 -0.61 4.15
N ALA A 33 8.35 0.39 3.81
CA ALA A 33 9.58 0.15 3.06
C ALA A 33 10.53 -0.80 3.78
N LEU A 34 10.40 -0.92 5.11
CA LEU A 34 11.29 -1.74 5.89
C LEU A 34 10.66 -3.01 6.44
N ILE A 35 9.34 -3.15 6.39
CA ILE A 35 8.68 -4.23 7.11
C ILE A 35 9.03 -5.59 6.51
N VAL A 36 9.16 -5.67 5.18
CA VAL A 36 9.48 -6.95 4.55
C VAL A 36 10.93 -7.31 4.83
N TYR A 37 11.85 -6.35 4.65
CA TYR A 37 13.23 -6.59 5.02
C TYR A 37 13.37 -6.85 6.52
N PHE A 38 12.48 -6.27 7.33
CA PHE A 38 12.53 -6.49 8.77
C PHE A 38 12.17 -7.93 9.12
N MET A 39 11.14 -8.47 8.48
CA MET A 39 10.80 -9.87 8.71
C MET A 39 11.88 -10.81 8.19
N VAL A 40 12.60 -10.41 7.14
CA VAL A 40 13.58 -11.29 6.53
C VAL A 40 14.92 -11.20 7.23
N GLN A 41 15.42 -9.98 7.42
CA GLN A 41 16.80 -9.82 7.91
C GLN A 41 16.88 -9.89 9.43
N ARG A 42 16.19 -8.98 10.12
CA ARG A 42 16.25 -8.97 11.58
C ARG A 42 15.55 -10.18 12.18
N LEU A 43 14.26 -10.33 11.92
CA LEU A 43 13.56 -11.55 12.29
C LEU A 43 14.05 -12.71 11.42
N GLY A 44 13.85 -13.93 11.92
CA GLY A 44 14.37 -15.10 11.24
C GLY A 44 13.43 -15.74 10.24
N PHE A 45 12.45 -14.97 9.77
CA PHE A 45 11.46 -15.51 8.84
C PHE A 45 12.10 -15.85 7.50
N ASP A 46 11.80 -17.04 6.99
CA ASP A 46 12.08 -17.34 5.60
C ASP A 46 11.16 -16.52 4.71
N ASP A 47 11.66 -16.16 3.53
CA ASP A 47 10.94 -15.19 2.70
C ASP A 47 9.56 -15.70 2.30
N SER A 48 9.39 -17.02 2.17
CA SER A 48 8.08 -17.55 1.78
C SER A 48 7.02 -17.27 2.85
N ARG A 49 7.42 -17.14 4.11
CA ARG A 49 6.47 -16.77 5.15
C ARG A 49 6.32 -15.26 5.28
N ALA A 50 7.44 -14.52 5.21
CA ALA A 50 7.37 -13.07 5.27
C ALA A 50 6.53 -12.51 4.13
N ASN A 51 6.53 -13.17 2.98
CA ASN A 51 5.69 -12.73 1.87
C ASN A 51 4.21 -12.87 2.22
N LEU A 52 3.82 -14.03 2.75
CA LEU A 52 2.40 -14.26 3.05
C LEU A 52 1.94 -13.43 4.25
N VAL A 53 2.81 -13.19 5.22
CA VAL A 53 2.41 -12.43 6.40
C VAL A 53 2.17 -10.97 6.04
N TRP A 54 3.08 -10.38 5.26
CA TRP A 54 2.88 -9.01 4.82
C TRP A 54 1.68 -8.90 3.90
N SER A 55 1.47 -9.90 3.04
CA SER A 55 0.38 -9.84 2.08
C SER A 55 -0.97 -9.88 2.77
N ALA A 56 -1.12 -10.74 3.79
CA ALA A 56 -2.35 -10.75 4.57
C ALA A 56 -2.52 -9.44 5.33
N CYS A 57 -1.41 -8.86 5.81
CA CYS A 57 -1.48 -7.57 6.48
C CYS A 57 -1.85 -6.46 5.50
N ALA A 58 -1.35 -6.55 4.27
CA ALA A 58 -1.70 -5.58 3.25
C ALA A 58 -3.19 -5.66 2.89
N ALA A 59 -3.74 -6.87 2.90
CA ALA A 59 -5.17 -7.03 2.66
C ALA A 59 -5.99 -6.39 3.77
N LEU A 60 -5.57 -6.61 5.02
CA LEU A 60 -6.27 -6.01 6.16
C LEU A 60 -6.17 -4.49 6.13
N ILE A 61 -4.98 -3.97 5.81
CA ILE A 61 -4.81 -2.52 5.76
C ILE A 61 -5.65 -1.91 4.63
N TYR A 62 -5.81 -2.64 3.52
CA TYR A 62 -6.50 -2.08 2.37
C TYR A 62 -8.01 -1.99 2.59
N VAL A 63 -8.59 -3.02 3.22
CA VAL A 63 -10.05 -3.05 3.44
C VAL A 63 -10.46 -2.47 4.78
N SER A 64 -9.50 -2.06 5.62
CA SER A 64 -9.83 -1.45 6.89
C SER A 64 -10.52 -0.09 6.77
N PRO A 65 -10.15 0.80 5.84
CA PRO A 65 -10.83 2.11 5.78
C PRO A 65 -12.33 2.05 5.60
N ALA A 66 -12.87 0.94 5.09
CA ALA A 66 -14.32 0.85 4.92
C ALA A 66 -15.03 0.91 6.26
N ILE A 67 -14.56 0.13 7.24
CA ILE A 67 -15.16 0.13 8.57
C ILE A 67 -14.91 1.47 9.27
N GLY A 68 -13.70 2.00 9.15
CA GLY A 68 -13.37 3.23 9.84
C GLY A 68 -14.08 4.44 9.25
N GLY A 69 -14.28 4.46 7.93
CA GLY A 69 -15.01 5.55 7.32
C GLY A 69 -16.47 5.59 7.71
N TRP A 70 -17.07 4.41 7.94
CA TRP A 70 -18.45 4.36 8.39
C TRP A 70 -18.57 4.71 9.87
N VAL A 71 -17.58 4.29 10.68
CA VAL A 71 -17.58 4.66 12.10
C VAL A 71 -17.39 6.17 12.26
N GLY A 72 -16.65 6.79 11.34
CA GLY A 72 -16.31 8.19 11.51
C GLY A 72 -17.46 9.15 11.30
N ASP A 73 -18.45 8.76 10.49
CA ASP A 73 -19.55 9.66 10.19
C ASP A 73 -20.89 9.19 10.74
N LYS A 74 -21.01 7.93 11.16
CA LYS A 74 -22.26 7.39 11.67
C LYS A 74 -22.23 7.04 13.16
N ILE A 75 -21.07 6.70 13.71
CA ILE A 75 -20.96 6.26 15.10
C ILE A 75 -20.26 7.32 15.95
N LEU A 76 -19.07 7.75 15.54
CA LEU A 76 -18.31 8.77 16.26
C LEU A 76 -18.13 9.99 15.35
N GLY A 77 -17.35 10.96 15.83
CA GLY A 77 -17.04 12.12 15.01
C GLY A 77 -15.87 11.83 14.09
N THR A 78 -15.98 12.33 12.86
CA THR A 78 -14.92 12.13 11.87
C THR A 78 -13.59 12.68 12.35
N LYS A 79 -13.61 13.82 13.05
CA LYS A 79 -12.38 14.40 13.57
C LYS A 79 -11.77 13.55 14.66
N ARG A 80 -12.58 13.12 15.64
CA ARG A 80 -12.05 12.35 16.75
C ARG A 80 -11.76 10.90 16.38
N THR A 81 -12.50 10.32 15.44
CA THR A 81 -12.17 8.99 14.96
C THR A 81 -10.84 9.00 14.21
N MET A 82 -10.57 10.07 13.46
CA MET A 82 -9.27 10.23 12.80
C MET A 82 -8.16 10.39 13.84
N LEU A 83 -8.42 11.17 14.89
CA LEU A 83 -7.44 11.32 15.96
C LEU A 83 -7.26 10.02 16.74
N LEU A 84 -8.35 9.26 16.92
CA LEU A 84 -8.24 7.97 17.59
C LEU A 84 -7.35 7.02 16.78
N GLY A 85 -7.54 6.96 15.47
CA GLY A 85 -6.68 6.15 14.64
C GLY A 85 -5.25 6.63 14.63
N ALA A 86 -5.04 7.94 14.76
CA ALA A 86 -3.69 8.48 14.82
C ALA A 86 -2.97 8.07 16.10
N GLY A 87 -3.67 8.14 17.23
CA GLY A 87 -3.08 7.68 18.47
C GLY A 87 -2.85 6.18 18.50
N ILE A 88 -3.72 5.42 17.82
CA ILE A 88 -3.52 3.98 17.71
C ILE A 88 -2.26 3.69 16.90
N LEU A 89 -2.10 4.39 15.77
CA LEU A 89 -0.90 4.22 14.97
C LEU A 89 0.35 4.67 15.73
N SER A 90 0.21 5.63 16.64
CA SER A 90 1.33 5.99 17.52
C SER A 90 1.72 4.82 18.39
N VAL A 91 0.73 4.13 18.96
CA VAL A 91 0.99 2.95 19.77
C VAL A 91 1.63 1.86 18.93
N GLY A 92 1.20 1.74 17.67
CA GLY A 92 1.73 0.68 16.81
C GLY A 92 3.21 0.84 16.53
N TYR A 93 3.62 2.04 16.08
CA TYR A 93 5.02 2.26 15.75
C TYR A 93 5.88 2.30 17.01
N ALA A 94 5.32 2.74 18.13
CA ALA A 94 6.04 2.65 19.40
C ALA A 94 6.17 1.20 19.86
N LEU A 95 5.21 0.35 19.49
CA LEU A 95 5.36 -1.07 19.75
C LEU A 95 6.43 -1.68 18.85
N MET A 96 6.63 -1.11 17.66
CA MET A 96 7.65 -1.60 16.75
C MET A 96 9.06 -1.26 17.22
N THR A 97 9.21 -0.21 18.02
CA THR A 97 10.52 0.34 18.31
C THR A 97 11.19 -0.29 19.53
N VAL A 98 10.52 -1.19 20.24
CA VAL A 98 11.16 -1.86 21.37
C VAL A 98 12.00 -3.02 20.83
N PRO A 99 13.26 -3.16 21.25
CA PRO A 99 14.13 -4.17 20.63
C PRO A 99 13.90 -5.58 21.12
N THR A 100 12.99 -6.31 20.47
CA THR A 100 12.73 -7.71 20.77
C THR A 100 12.75 -8.52 19.48
N GLU A 101 13.20 -9.78 19.60
CA GLU A 101 13.10 -10.74 18.52
C GLU A 101 11.78 -11.53 18.58
N ASN A 102 10.76 -10.97 19.22
CA ASN A 102 9.52 -11.68 19.47
C ASN A 102 8.58 -11.55 18.28
N THR A 103 8.10 -12.68 17.76
CA THR A 103 7.16 -12.66 16.65
C THR A 103 5.84 -12.01 17.05
N TRP A 104 5.29 -12.42 18.20
CA TRP A 104 4.03 -11.86 18.66
C TRP A 104 4.14 -10.37 18.99
N PHE A 105 5.36 -9.87 19.19
CA PHE A 105 5.53 -8.43 19.38
C PHE A 105 5.26 -7.67 18.09
N MET A 106 5.89 -8.11 16.99
CA MET A 106 5.65 -7.47 15.70
C MET A 106 4.21 -7.68 15.23
N PHE A 107 3.66 -8.86 15.48
CA PHE A 107 2.29 -9.14 15.07
C PHE A 107 1.30 -8.25 15.81
N SER A 108 1.52 -8.03 17.11
CA SER A 108 0.68 -7.09 17.84
C SER A 108 0.82 -5.68 17.26
N ALA A 109 2.04 -5.29 16.89
CA ALA A 109 2.24 -3.97 16.29
C ALA A 109 1.56 -3.86 14.95
N LEU A 110 1.57 -4.94 14.16
CA LEU A 110 0.94 -4.90 12.83
C LEU A 110 -0.58 -4.87 12.94
N GLY A 111 -1.15 -5.58 13.91
CA GLY A 111 -2.58 -5.50 14.11
C GLY A 111 -3.02 -4.12 14.55
N VAL A 112 -2.24 -3.49 15.44
CA VAL A 112 -2.52 -2.12 15.86
C VAL A 112 -2.42 -1.18 14.66
N ILE A 113 -1.51 -1.46 13.74
CA ILE A 113 -1.37 -0.65 12.54
C ILE A 113 -2.60 -0.79 11.65
N VAL A 114 -3.17 -2.00 11.57
CA VAL A 114 -4.35 -2.21 10.73
C VAL A 114 -5.53 -1.40 11.26
N VAL A 115 -5.78 -1.50 12.56
CA VAL A 115 -6.91 -0.78 13.16
C VAL A 115 -6.69 0.73 13.06
N GLY A 116 -5.46 1.18 13.30
CA GLY A 116 -5.19 2.60 13.26
C GLY A 116 -5.32 3.20 11.87
N ASN A 117 -4.82 2.49 10.85
CA ASN A 117 -5.00 2.94 9.48
C ASN A 117 -6.48 3.03 9.12
N GLY A 118 -7.26 2.02 9.50
CA GLY A 118 -8.67 2.01 9.15
C GLY A 118 -9.44 3.15 9.79
N LEU A 119 -9.06 3.53 11.01
CA LEU A 119 -9.76 4.60 11.72
C LEU A 119 -9.25 5.98 11.35
N PHE A 120 -8.06 6.09 10.77
CA PHE A 120 -7.50 7.39 10.41
C PHE A 120 -7.79 7.75 8.95
N LYS A 121 -7.30 6.93 8.02
CA LYS A 121 -7.23 7.33 6.61
C LYS A 121 -8.57 7.77 6.03
N PRO A 122 -9.66 6.99 6.11
CA PRO A 122 -10.90 7.41 5.45
C PRO A 122 -11.53 8.65 6.05
N ASN A 123 -11.26 8.93 7.33
CA ASN A 123 -11.86 10.11 7.96
C ASN A 123 -11.09 11.38 7.62
N ALA A 124 -9.77 11.28 7.48
CA ALA A 124 -9.00 12.41 6.99
C ALA A 124 -9.46 12.80 5.59
N GLY A 125 -9.63 11.80 4.71
CA GLY A 125 -10.17 12.07 3.39
C GLY A 125 -11.63 12.45 3.42
N ASN A 126 -12.37 12.01 4.45
CA ASN A 126 -13.78 12.37 4.53
C ASN A 126 -13.97 13.86 4.80
N LEU A 127 -13.26 14.40 5.80
CA LEU A 127 -13.44 15.81 6.09
C LEU A 127 -12.75 16.72 5.06
N VAL A 128 -11.79 16.19 4.30
CA VAL A 128 -11.30 16.91 3.13
C VAL A 128 -12.43 17.10 2.12
N ARG A 129 -13.28 16.09 1.98
CA ARG A 129 -14.51 16.24 1.20
C ARG A 129 -15.46 17.24 1.87
N LYS A 130 -15.50 17.24 3.21
CA LYS A 130 -16.41 18.11 3.93
C LYS A 130 -16.05 19.58 3.75
N ILE A 131 -14.75 19.88 3.71
CA ILE A 131 -14.32 21.28 3.68
C ILE A 131 -14.81 21.97 2.42
N TYR A 132 -14.72 21.30 1.28
CA TYR A 132 -15.07 21.89 -0.01
C TYR A 132 -16.45 21.46 -0.50
N GLU A 133 -17.27 20.89 0.39
CA GLU A 133 -18.69 20.64 0.12
C GLU A 133 -18.95 19.88 -1.17
N SER A 137 -17.80 21.76 -6.64
CA SER A 137 -17.18 20.48 -6.37
C SER A 137 -15.70 20.47 -6.77
N LYS A 138 -14.95 21.45 -6.29
CA LYS A 138 -13.50 21.47 -6.48
C LYS A 138 -12.77 20.59 -5.48
N ILE A 139 -13.46 19.59 -4.91
CA ILE A 139 -12.88 18.61 -3.99
C ILE A 139 -11.81 17.84 -4.74
N ASP A 140 -11.94 17.80 -6.07
CA ASP A 140 -10.92 17.25 -6.94
C ASP A 140 -9.65 18.10 -6.90
N SER A 141 -9.79 19.43 -6.88
CA SER A 141 -8.63 20.30 -6.76
C SER A 141 -7.95 20.10 -5.41
N ALA A 142 -8.74 20.03 -4.34
CA ALA A 142 -8.16 19.79 -3.02
C ALA A 142 -7.52 18.41 -2.94
N PHE A 143 -8.19 17.38 -3.47
CA PHE A 143 -7.65 16.03 -3.40
C PHE A 143 -6.35 15.89 -4.18
N THR A 144 -6.16 16.69 -5.24
CA THR A 144 -4.91 16.62 -5.99
C THR A 144 -3.75 17.15 -5.15
N ILE A 145 -3.91 18.32 -4.54
CA ILE A 145 -2.93 18.82 -3.60
C ILE A 145 -2.81 17.90 -2.40
N TYR A 146 -3.92 17.28 -2.00
CA TYR A 146 -3.90 16.32 -0.90
C TYR A 146 -3.02 15.13 -1.22
N TYR A 147 -3.24 14.51 -2.39
CA TYR A 147 -2.42 13.37 -2.79
C TYR A 147 -0.97 13.78 -3.04
N MET A 148 -0.74 15.03 -3.45
CA MET A 148 0.62 15.51 -3.65
C MET A 148 1.37 15.59 -2.31
N ALA A 149 0.71 16.13 -1.28
CA ALA A 149 1.34 16.15 0.04
C ALA A 149 1.59 14.74 0.56
N VAL A 150 0.71 13.79 0.22
CA VAL A 150 0.93 12.40 0.61
C VAL A 150 2.20 11.85 -0.04
N ASN A 151 2.37 12.13 -1.33
CA ASN A 151 3.50 11.58 -2.06
C ASN A 151 4.82 12.16 -1.55
N VAL A 152 4.89 13.47 -1.34
CA VAL A 152 6.14 14.07 -0.92
C VAL A 152 6.50 13.65 0.49
N GLY A 153 5.51 13.41 1.34
CA GLY A 153 5.80 12.94 2.69
C GLY A 153 6.30 11.50 2.70
N SER A 154 5.69 10.64 1.88
CA SER A 154 6.14 9.26 1.80
C SER A 154 7.52 9.15 1.15
N THR A 155 7.82 10.05 0.20
CA THR A 155 9.15 10.07 -0.39
C THR A 155 10.21 10.39 0.65
N PHE A 156 9.94 11.39 1.51
CA PHE A 156 10.88 11.72 2.56
C PHE A 156 11.14 10.54 3.47
N SER A 157 10.08 9.85 3.91
CA SER A 157 10.23 8.76 4.85
C SER A 157 10.92 7.56 4.21
N MET A 158 10.49 7.18 3.01
CA MET A 158 11.07 6.02 2.37
C MET A 158 12.52 6.24 1.96
N LEU A 159 12.96 7.49 1.88
CA LEU A 159 14.38 7.79 1.69
C LEU A 159 15.12 7.90 3.01
N LEU A 160 14.42 8.27 4.09
CA LEU A 160 15.05 8.56 5.37
C LEU A 160 15.17 7.31 6.24
N THR A 161 14.05 6.66 6.53
CA THR A 161 14.07 5.56 7.48
C THR A 161 14.97 4.38 7.08
N PRO A 162 15.14 4.03 5.81
CA PRO A 162 16.12 2.98 5.49
C PRO A 162 17.56 3.43 5.71
N TRP A 163 17.87 4.70 5.44
CA TRP A 163 19.20 5.20 5.73
C TRP A 163 19.45 5.32 7.23
N ILE A 164 18.41 5.68 8.00
CA ILE A 164 18.54 5.64 9.46
C ILE A 164 18.87 4.23 9.92
N LYS A 165 18.22 3.23 9.31
CA LYS A 165 18.49 1.84 9.66
C LYS A 165 19.93 1.47 9.37
N ASP A 166 20.42 1.80 8.18
CA ASP A 166 21.81 1.50 7.81
C ASP A 166 22.77 2.23 8.74
N TYR A 167 22.55 3.52 8.96
CA TYR A 167 23.50 4.33 9.73
C TYR A 167 23.52 3.93 11.18
N VAL A 168 22.36 3.77 11.81
CA VAL A 168 22.32 3.44 13.23
C VAL A 168 22.88 2.05 13.47
N ASN A 169 22.62 1.10 12.57
CA ASN A 169 23.21 -0.23 12.71
C ASN A 169 24.73 -0.18 12.53
N ALA A 170 25.22 0.67 11.63
CA ALA A 170 26.66 0.75 11.40
C ALA A 170 27.37 1.35 12.61
N GLN A 171 26.81 2.40 13.20
CA GLN A 171 27.45 3.09 14.31
C GLN A 171 27.11 2.48 15.67
N TYR A 172 26.02 1.73 15.78
CA TYR A 172 25.57 1.23 17.08
C TYR A 172 25.34 -0.27 17.09
N GLY A 173 25.91 -1.01 16.14
CA GLY A 173 25.94 -2.45 16.26
C GLY A 173 24.94 -3.24 15.45
N ASN A 174 23.83 -3.63 16.08
CA ASN A 174 22.99 -4.69 15.51
C ASN A 174 21.49 -4.37 15.54
N GLU A 175 20.95 -4.01 16.70
CA GLU A 175 19.51 -3.90 16.86
C GLU A 175 18.98 -2.50 16.62
N PHE A 176 19.71 -1.47 17.05
CA PHE A 176 19.13 -0.14 17.19
C PHE A 176 18.63 0.43 15.87
N GLY A 177 19.20 -0.01 14.74
CA GLY A 177 18.84 0.51 13.44
C GLY A 177 17.38 0.39 13.07
N TRP A 178 16.87 -0.84 13.03
CA TRP A 178 15.48 -1.05 12.62
C TRP A 178 14.51 -0.35 13.58
N HIS A 179 14.78 -0.45 14.88
CA HIS A 179 13.87 0.11 15.87
C HIS A 179 13.97 1.62 15.98
N ALA A 180 15.10 2.21 15.58
CA ALA A 180 15.16 3.66 15.52
C ALA A 180 14.33 4.18 14.35
N ALA A 181 14.34 3.47 13.23
CA ALA A 181 13.52 3.87 12.09
C ALA A 181 12.04 3.73 12.41
N PHE A 182 11.67 2.72 13.18
CA PHE A 182 10.27 2.59 13.61
C PHE A 182 9.92 3.65 14.65
N ALA A 183 10.91 4.09 15.44
CA ALA A 183 10.68 5.24 16.30
C ALA A 183 10.54 6.53 15.48
N VAL A 184 11.25 6.62 14.35
CA VAL A 184 11.09 7.75 13.45
C VAL A 184 9.67 7.82 12.91
N CYS A 185 9.10 6.65 12.58
CA CYS A 185 7.70 6.61 12.18
C CYS A 185 6.79 7.03 13.33
N CYS A 186 7.16 6.66 14.56
CA CYS A 186 6.33 7.01 15.71
C CYS A 186 6.40 8.51 16.01
N VAL A 187 7.61 9.07 16.03
CA VAL A 187 7.73 10.51 16.27
C VAL A 187 7.15 11.31 15.12
N GLY A 188 7.08 10.73 13.92
CA GLY A 188 6.41 11.41 12.82
C GLY A 188 4.92 11.56 13.06
N ILE A 189 4.29 10.51 13.60
CA ILE A 189 2.88 10.60 13.98
C ILE A 189 2.70 11.63 15.08
N LEU A 190 3.63 11.68 16.03
CA LEU A 190 3.52 12.61 17.13
C LEU A 190 3.77 14.05 16.70
N VAL A 191 4.60 14.26 15.68
CA VAL A 191 4.78 15.61 15.14
C VAL A 191 3.49 16.09 14.49
N GLY A 192 2.81 15.21 13.75
CA GLY A 192 1.56 15.59 13.14
C GLY A 192 0.47 15.84 14.16
N LEU A 193 0.46 15.07 15.25
CA LEU A 193 -0.52 15.28 16.31
C LEU A 193 -0.26 16.58 17.06
N GLY A 194 1.02 16.90 17.31
CA GLY A 194 1.34 18.20 17.88
C GLY A 194 0.99 19.33 16.92
N ASN A 195 1.19 19.11 15.63
CA ASN A 195 0.79 20.10 14.63
C ASN A 195 -0.73 20.29 14.64
N TYR A 196 -1.47 19.18 14.84
CA TYR A 196 -2.93 19.28 14.89
C TYR A 196 -3.40 19.98 16.17
N ALA A 197 -2.77 19.65 17.30
CA ALA A 197 -3.15 20.28 18.56
C ALA A 197 -2.97 21.79 18.54
N LEU A 198 -2.13 22.30 17.64
CA LEU A 198 -1.91 23.74 17.54
C LEU A 198 -2.84 24.41 16.54
N MET A 199 -3.23 23.70 15.47
CA MET A 199 -3.95 24.30 14.35
C MET A 199 -5.34 23.70 14.16
N HIS A 200 -5.91 23.08 15.20
CA HIS A 200 -7.23 22.47 15.06
C HIS A 200 -8.36 23.49 15.06
N LYS A 201 -8.05 24.78 15.17
CA LYS A 201 -9.11 25.79 15.22
C LYS A 201 -9.83 25.90 13.89
N SER A 202 -9.10 25.75 12.78
CA SER A 202 -9.71 25.88 11.46
C SER A 202 -10.66 24.73 11.17
N LEU A 203 -10.29 23.51 11.58
CA LEU A 203 -11.13 22.34 11.36
C LEU A 203 -12.27 22.23 12.37
N ALA A 204 -12.34 23.11 13.36
CA ALA A 204 -13.39 23.01 14.36
C ALA A 204 -14.76 23.35 13.79
N ASN A 205 -14.80 24.21 12.75
CA ASN A 205 -16.06 24.61 12.15
C ASN A 205 -16.66 23.49 11.29
N TYR A 206 -15.85 22.85 10.46
CA TYR A 206 -16.31 21.75 9.62
C TYR A 206 -16.19 20.44 10.38
N GLY A 207 -17.29 19.70 10.46
CA GLY A 207 -17.30 18.44 11.18
C GLY A 207 -18.19 17.39 10.55
N SER A 208 -18.35 16.27 11.25
CA SER A 208 -19.18 15.17 10.80
C SER A 208 -20.62 15.39 11.28
N GLU A 209 -21.47 14.38 11.13
CA GLU A 209 -22.82 14.48 11.71
C GLU A 209 -22.78 14.36 13.23
N PRO A 210 -22.04 13.41 13.83
CA PRO A 210 -21.99 13.38 15.30
C PRO A 210 -21.12 14.46 15.93
N ASP A 211 -20.18 15.05 15.19
CA ASP A 211 -19.33 16.10 15.76
C ASP A 211 -20.12 17.33 16.18
N THR A 212 -21.35 17.49 15.67
CA THR A 212 -22.24 18.53 16.19
C THR A 212 -22.54 18.31 17.66
N ARG A 213 -22.58 17.06 18.10
CA ARG A 213 -22.90 16.66 19.46
C ARG A 213 -21.66 16.16 20.19
N PRO A 214 -21.64 16.19 21.53
CA PRO A 214 -20.47 15.70 22.25
C PRO A 214 -20.27 14.20 22.13
N VAL A 215 -19.25 13.66 22.82
CA VAL A 215 -18.87 12.27 22.63
C VAL A 215 -19.86 11.36 23.34
N ASN A 216 -20.15 10.22 22.71
CA ASN A 216 -20.96 9.16 23.30
C ASN A 216 -20.02 8.10 23.84
N LYS A 217 -20.02 7.93 25.17
CA LYS A 217 -19.10 6.99 25.79
C LYS A 217 -19.51 5.53 25.61
N LYS A 218 -20.79 5.26 25.36
CA LYS A 218 -21.20 3.90 25.01
C LYS A 218 -20.52 3.46 23.72
N SER A 219 -20.70 4.25 22.65
CA SER A 219 -20.08 3.92 21.37
C SER A 219 -18.57 3.98 21.45
N LEU A 220 -18.02 4.86 22.30
CA LEU A 220 -16.57 4.92 22.46
C LEU A 220 -16.04 3.64 23.09
N ALA A 221 -16.68 3.17 24.17
CA ALA A 221 -16.26 1.92 24.78
C ALA A 221 -16.49 0.73 23.85
N ILE A 222 -17.53 0.81 23.01
CA ILE A 222 -17.78 -0.27 22.05
C ILE A 222 -16.65 -0.36 21.04
N VAL A 223 -16.29 0.76 20.42
CA VAL A 223 -15.28 0.74 19.38
C VAL A 223 -13.89 0.49 19.96
N LEU A 224 -13.65 0.88 21.21
CA LEU A 224 -12.35 0.64 21.82
C LEU A 224 -12.14 -0.83 22.15
N ALA A 225 -13.17 -1.47 22.70
CA ALA A 225 -13.09 -2.91 22.96
C ALA A 225 -13.05 -3.69 21.67
N LEU A 226 -13.81 -3.26 20.66
CA LEU A 226 -13.77 -3.91 19.36
C LEU A 226 -12.44 -3.69 18.66
N ALA A 227 -11.83 -2.51 18.83
CA ALA A 227 -10.51 -2.27 18.27
C ALA A 227 -9.49 -3.23 18.86
N ALA A 228 -9.51 -3.40 20.18
CA ALA A 228 -8.64 -4.38 20.81
C ALA A 228 -8.97 -5.79 20.32
N LEU A 229 -10.25 -6.11 20.20
CA LEU A 229 -10.65 -7.40 19.64
C LEU A 229 -10.27 -7.52 18.18
N SER A 230 -10.22 -6.40 17.45
CA SER A 230 -9.78 -6.43 16.07
C SER A 230 -8.27 -6.57 15.98
N VAL A 231 -7.54 -5.98 16.91
CA VAL A 231 -6.09 -6.15 16.94
C VAL A 231 -5.73 -7.61 17.21
N VAL A 232 -6.44 -8.26 18.12
CA VAL A 232 -6.21 -9.68 18.39
C VAL A 232 -6.55 -10.52 17.18
N ALA A 233 -7.66 -10.22 16.51
CA ALA A 233 -8.06 -10.99 15.34
C ALA A 233 -7.06 -10.83 14.20
N SER A 234 -6.54 -9.62 14.01
CA SER A 234 -5.59 -9.40 12.92
C SER A 234 -4.25 -10.06 13.21
N ALA A 235 -3.80 -10.03 14.47
CA ALA A 235 -2.53 -10.66 14.82
C ALA A 235 -2.59 -12.17 14.66
N ILE A 236 -3.75 -12.77 14.95
CA ILE A 236 -3.89 -14.21 14.80
C ILE A 236 -4.02 -14.60 13.32
N ILE A 237 -4.67 -13.75 12.51
CA ILE A 237 -4.72 -14.00 11.08
C ILE A 237 -3.31 -13.95 10.48
N LEU A 238 -2.47 -13.06 11.00
CA LEU A 238 -1.11 -12.93 10.45
C LEU A 238 -0.21 -14.07 10.92
N GLU A 239 -0.31 -14.45 12.19
CA GLU A 239 0.62 -15.43 12.77
C GLU A 239 0.51 -16.77 12.04
N TYR A 240 -0.66 -17.41 12.11
CA TYR A 240 -0.86 -18.73 11.52
C TYR A 240 -1.31 -18.56 10.08
N GLU A 241 -0.44 -19.00 9.15
CA GLU A 241 -0.71 -18.80 7.72
C GLU A 241 -1.97 -19.54 7.28
N ASP A 242 -2.21 -20.72 7.85
CA ASP A 242 -3.37 -21.52 7.44
C ASP A 242 -4.68 -20.83 7.82
N VAL A 243 -4.68 -20.07 8.91
CA VAL A 243 -5.86 -19.28 9.26
C VAL A 243 -6.10 -18.20 8.22
N ALA A 244 -5.03 -17.57 7.73
CA ALA A 244 -5.18 -16.56 6.69
C ALA A 244 -5.72 -17.17 5.40
N ARG A 245 -5.33 -18.40 5.10
CA ARG A 245 -5.80 -19.05 3.87
C ARG A 245 -7.30 -19.30 3.94
N VAL A 246 -7.77 -19.89 5.04
CA VAL A 246 -9.19 -20.19 5.18
C VAL A 246 -10.03 -18.91 5.16
N PHE A 247 -9.52 -17.84 5.80
CA PHE A 247 -10.25 -16.58 5.81
C PHE A 247 -10.32 -15.97 4.41
N VAL A 248 -9.22 -16.06 3.66
CA VAL A 248 -9.24 -15.58 2.28
C VAL A 248 -10.17 -16.43 1.42
N TYR A 249 -10.15 -17.75 1.63
CA TYR A 249 -11.05 -18.61 0.87
C TYR A 249 -12.51 -18.33 1.19
N ALA A 250 -12.85 -18.17 2.47
CA ALA A 250 -14.23 -17.88 2.83
C ALA A 250 -14.68 -16.54 2.27
N ALA A 251 -13.82 -15.53 2.33
CA ALA A 251 -14.14 -14.24 1.73
C ALA A 251 -14.22 -14.34 0.22
N GLY A 252 -13.44 -15.26 -0.39
CA GLY A 252 -13.55 -15.47 -1.82
C GLY A 252 -14.87 -16.09 -2.21
N VAL A 253 -15.33 -17.10 -1.44
CA VAL A 253 -16.65 -17.66 -1.66
C VAL A 253 -17.72 -16.60 -1.44
N ALA A 254 -17.50 -15.69 -0.50
CA ALA A 254 -18.45 -14.61 -0.27
C ALA A 254 -18.54 -13.68 -1.48
N VAL A 255 -17.40 -13.32 -2.06
CA VAL A 255 -17.40 -12.46 -3.24
C VAL A 255 -18.07 -13.18 -4.41
N LEU A 256 -17.69 -14.44 -4.62
CA LEU A 256 -18.35 -15.25 -5.65
C LEU A 256 -19.83 -15.38 -5.37
N GLY A 257 -20.22 -15.38 -4.10
CA GLY A 257 -21.64 -15.46 -3.76
C GLY A 257 -22.38 -14.19 -4.15
N ILE A 258 -21.83 -13.03 -3.79
CA ILE A 258 -22.47 -11.75 -4.10
C ILE A 258 -22.67 -11.59 -5.60
N PHE A 259 -21.69 -12.03 -6.39
CA PHE A 259 -21.78 -11.89 -7.84
C PHE A 259 -22.85 -12.81 -8.41
N PHE A 260 -22.84 -14.09 -8.05
CA PHE A 260 -23.84 -15.02 -8.56
C PHE A 260 -25.23 -14.66 -8.05
N HIS A 261 -25.33 -14.19 -6.81
CA HIS A 261 -26.62 -13.74 -6.28
C HIS A 261 -27.18 -12.58 -7.10
N LEU A 262 -26.32 -11.65 -7.49
CA LEU A 262 -26.75 -10.53 -8.34
C LEU A 262 -26.84 -10.93 -9.81
N ILE A 263 -26.20 -12.03 -10.21
CA ILE A 263 -26.37 -12.55 -11.56
C ILE A 263 -27.81 -13.02 -11.77
N ARG A 264 -28.49 -13.43 -10.69
CA ARG A 264 -29.85 -13.94 -10.80
C ARG A 264 -30.82 -12.90 -11.35
N THR A 265 -30.61 -11.62 -11.03
CA THR A 265 -31.51 -10.56 -11.45
C THR A 265 -31.53 -10.42 -12.97
N ARG A 271 -30.28 -7.95 -14.60
CA ARG A 271 -28.84 -8.06 -14.47
C ARG A 271 -28.15 -7.93 -15.83
N ALA A 272 -28.17 -6.72 -16.39
CA ALA A 272 -27.41 -6.37 -17.58
C ALA A 272 -26.61 -5.11 -17.29
N GLY A 273 -25.35 -5.10 -17.73
CA GLY A 273 -24.43 -4.05 -17.37
C GLY A 273 -23.60 -4.36 -16.13
N LEU A 274 -24.14 -5.17 -15.22
CA LEU A 274 -23.36 -5.61 -14.08
C LEU A 274 -22.33 -6.65 -14.49
N ILE A 275 -22.58 -7.37 -15.58
CA ILE A 275 -21.59 -8.31 -16.09
C ILE A 275 -20.34 -7.56 -16.53
N ALA A 276 -20.50 -6.29 -16.92
CA ALA A 276 -19.35 -5.46 -17.27
C ALA A 276 -18.53 -5.11 -16.04
N ALA A 277 -19.19 -4.74 -14.95
CA ALA A 277 -18.49 -4.53 -13.68
C ALA A 277 -17.89 -5.82 -13.17
N LEU A 278 -18.57 -6.96 -13.40
CA LEU A 278 -17.98 -8.25 -13.04
C LEU A 278 -16.66 -8.46 -13.76
N ILE A 279 -16.63 -8.20 -15.06
CA ILE A 279 -15.40 -8.29 -15.83
C ILE A 279 -14.37 -7.31 -15.29
N LEU A 280 -14.81 -6.09 -14.99
CA LEU A 280 -13.89 -5.07 -14.47
C LEU A 280 -13.36 -5.45 -13.10
N THR A 281 -14.11 -6.25 -12.33
CA THR A 281 -13.61 -6.76 -11.07
C THR A 281 -12.58 -7.87 -11.30
N VAL A 282 -12.79 -8.71 -12.33
CA VAL A 282 -11.85 -9.78 -12.63
C VAL A 282 -10.48 -9.19 -12.96
N GLN A 283 -10.45 -8.19 -13.83
CA GLN A 283 -9.19 -7.52 -14.17
C GLN A 283 -8.59 -6.85 -12.95
N THR A 284 -9.43 -6.34 -12.05
CA THR A 284 -8.93 -5.70 -10.84
C THR A 284 -8.15 -6.69 -9.97
N VAL A 285 -8.63 -7.93 -9.90
CA VAL A 285 -7.92 -8.96 -9.14
C VAL A 285 -6.56 -9.25 -9.77
N PHE A 286 -6.55 -9.38 -11.10
CA PHE A 286 -5.29 -9.58 -11.83
C PHE A 286 -4.32 -8.44 -11.58
N PHE A 287 -4.83 -7.21 -11.56
CA PHE A 287 -3.96 -6.04 -11.42
C PHE A 287 -3.27 -6.01 -10.07
N PHE A 288 -4.02 -6.24 -8.99
CA PHE A 288 -3.44 -6.23 -7.67
C PHE A 288 -2.51 -7.40 -7.41
N ILE A 289 -2.55 -8.45 -8.25
CA ILE A 289 -1.54 -9.48 -8.14
C ILE A 289 -0.21 -8.98 -8.71
N PHE A 290 -0.27 -8.09 -9.71
CA PHE A 290 0.95 -7.51 -10.26
C PHE A 290 1.50 -6.41 -9.36
N TYR A 291 0.65 -5.52 -8.87
CA TYR A 291 1.12 -4.37 -8.10
C TYR A 291 1.63 -4.78 -6.73
N GLN A 292 1.01 -5.80 -6.12
CA GLN A 292 1.50 -6.29 -4.84
C GLN A 292 2.90 -6.89 -4.98
N GLN A 293 3.24 -7.40 -6.18
CA GLN A 293 4.54 -8.00 -6.39
C GLN A 293 5.67 -7.01 -6.14
N MET A 294 5.48 -5.74 -6.53
CA MET A 294 6.56 -4.77 -6.43
C MET A 294 6.92 -4.48 -4.97
N SER A 295 6.03 -4.80 -4.03
CA SER A 295 6.35 -4.65 -2.61
C SER A 295 6.93 -5.91 -2.00
N THR A 296 6.75 -7.06 -2.66
CA THR A 296 7.13 -8.34 -2.07
C THR A 296 8.41 -8.90 -2.68
N SER A 297 8.29 -9.54 -3.86
CA SER A 297 9.44 -10.18 -4.47
C SER A 297 10.43 -9.14 -5.02
N LEU A 298 9.92 -8.03 -5.55
CA LEU A 298 10.81 -6.99 -6.05
C LEU A 298 11.66 -6.41 -4.92
N ALA A 299 11.12 -6.34 -3.71
CA ALA A 299 11.91 -5.90 -2.58
C ALA A 299 13.01 -6.92 -2.27
N LEU A 300 12.66 -8.21 -2.20
CA LEU A 300 13.66 -9.25 -2.01
C LEU A 300 14.68 -9.25 -3.14
N PHE A 301 14.21 -9.06 -4.38
CA PHE A 301 15.11 -9.01 -5.53
C PHE A 301 16.08 -7.85 -5.39
N ALA A 302 15.58 -6.68 -5.00
CA ALA A 302 16.46 -5.53 -4.77
C ALA A 302 17.38 -5.76 -3.58
N LEU A 303 16.96 -6.58 -2.62
CA LEU A 303 17.80 -6.86 -1.46
C LEU A 303 18.96 -7.78 -1.81
N ARG A 304 18.73 -8.73 -2.72
CA ARG A 304 19.68 -9.80 -2.96
C ARG A 304 20.32 -9.80 -4.34
N ASN A 305 19.74 -9.10 -5.33
CA ASN A 305 20.24 -9.23 -6.69
C ASN A 305 20.27 -7.89 -7.42
N VAL A 306 20.48 -6.79 -6.70
CA VAL A 306 20.64 -5.47 -7.32
C VAL A 306 21.88 -4.82 -6.73
N ASP A 307 22.79 -4.38 -7.60
CA ASP A 307 24.00 -3.68 -7.17
C ASP A 307 23.62 -2.27 -6.73
N TRP A 308 23.65 -2.02 -5.43
CA TRP A 308 23.23 -0.72 -4.90
C TRP A 308 24.15 0.41 -5.33
N ASP A 309 25.36 0.10 -5.82
CA ASP A 309 26.24 1.10 -6.38
C ASP A 309 25.56 1.79 -7.56
N PHE A 310 25.13 3.03 -7.37
CA PHE A 310 24.48 3.83 -8.41
C PHE A 310 25.51 4.78 -9.00
N GLN A 311 25.90 4.55 -10.25
CA GLN A 311 26.81 5.43 -10.95
C GLN A 311 26.22 5.79 -12.31
N VAL A 312 26.25 7.07 -12.65
CA VAL A 312 25.77 7.56 -13.93
C VAL A 312 26.97 7.85 -14.82
N PHE A 313 27.03 7.17 -15.96
CA PHE A 313 28.09 7.37 -16.95
C PHE A 313 29.48 7.28 -16.31
N GLY A 314 29.65 6.31 -15.42
CA GLY A 314 30.95 6.03 -14.86
C GLY A 314 31.40 6.93 -13.73
N THR A 315 30.47 7.55 -13.00
CA THR A 315 30.80 8.41 -11.88
C THR A 315 29.96 8.03 -10.67
N HIS A 316 30.63 7.78 -9.55
CA HIS A 316 29.96 7.31 -8.34
C HIS A 316 29.15 8.44 -7.71
N LEU A 317 27.83 8.25 -7.65
CA LEU A 317 26.94 9.19 -6.97
C LEU A 317 26.70 8.77 -5.52
N TRP A 318 26.16 7.57 -5.34
CA TRP A 318 25.87 7.04 -4.01
C TRP A 318 25.68 5.54 -4.13
N THR A 319 25.46 4.89 -2.99
CA THR A 319 25.08 3.49 -2.93
C THR A 319 23.72 3.38 -2.24
N TRP A 320 22.77 2.74 -2.92
CA TRP A 320 21.41 2.67 -2.43
C TRP A 320 21.32 1.84 -1.14
N SER A 321 20.17 1.96 -0.48
CA SER A 321 19.66 0.97 0.45
C SER A 321 18.44 0.31 -0.18
N PRO A 322 18.35 -1.03 -0.17
CA PRO A 322 17.32 -1.69 -0.99
C PRO A 322 15.90 -1.31 -0.64
N ALA A 323 15.67 -0.68 0.51
CA ALA A 323 14.32 -0.22 0.85
C ALA A 323 14.01 1.13 0.23
N GLN A 324 15.02 1.99 0.07
CA GLN A 324 14.82 3.29 -0.53
C GLN A 324 14.32 3.19 -1.98
N PHE A 325 14.46 2.02 -2.59
CA PHE A 325 13.95 1.82 -3.94
C PHE A 325 12.45 2.05 -4.03
N GLN A 326 11.71 1.71 -2.96
CA GLN A 326 10.27 1.91 -2.98
C GLN A 326 9.89 3.37 -2.98
N ALA A 327 10.80 4.27 -2.63
CA ALA A 327 10.55 5.70 -2.75
C ALA A 327 10.43 6.14 -4.20
N LEU A 328 10.83 5.30 -5.16
CA LEU A 328 10.66 5.63 -6.57
C LEU A 328 9.21 5.55 -7.01
N ASN A 329 8.36 4.82 -6.27
CA ASN A 329 6.95 4.79 -6.62
C ASN A 329 6.28 6.15 -6.43
N PRO A 330 6.44 6.83 -5.29
CA PRO A 330 5.85 8.19 -5.21
C PRO A 330 6.55 9.19 -6.11
N ILE A 331 7.87 9.09 -6.26
CA ILE A 331 8.61 10.04 -7.09
C ILE A 331 8.08 10.02 -8.52
N TRP A 332 8.07 8.83 -9.13
CA TRP A 332 7.61 8.74 -10.52
C TRP A 332 6.15 9.17 -10.66
N ILE A 333 5.34 9.00 -9.62
CA ILE A 333 3.96 9.46 -9.66
C ILE A 333 3.93 10.97 -9.82
N MET A 334 4.68 11.70 -8.99
CA MET A 334 4.75 13.14 -9.10
C MET A 334 5.45 13.57 -10.38
N VAL A 335 6.27 12.70 -10.97
CA VAL A 335 6.92 13.03 -12.24
C VAL A 335 5.94 12.84 -13.40
N LEU A 336 5.10 11.81 -13.34
CA LEU A 336 4.29 11.42 -14.49
C LEU A 336 2.84 11.90 -14.43
N SER A 337 2.32 12.25 -13.24
CA SER A 337 0.94 12.70 -13.19
C SER A 337 0.74 14.03 -13.93
N PRO A 338 1.71 14.95 -13.95
CA PRO A 338 1.57 16.09 -14.86
C PRO A 338 1.74 15.69 -16.32
N VAL A 339 2.59 14.71 -16.59
CA VAL A 339 2.79 14.24 -17.96
C VAL A 339 1.47 13.76 -18.55
N LEU A 340 0.76 12.91 -17.81
CA LEU A 340 -0.52 12.40 -18.28
C LEU A 340 -1.53 13.52 -18.50
N ALA A 341 -1.55 14.50 -17.61
CA ALA A 341 -2.51 15.61 -17.71
C ALA A 341 -2.37 16.32 -19.05
N TRP A 342 -1.18 16.79 -19.38
CA TRP A 342 -0.96 17.45 -20.66
C TRP A 342 -1.09 16.48 -21.82
N SER A 343 -0.60 15.25 -21.65
CA SER A 343 -0.69 14.26 -22.71
C SER A 343 -2.12 13.80 -22.93
N TYR A 344 -2.96 13.83 -21.89
CA TYR A 344 -4.37 13.53 -22.08
C TYR A 344 -5.09 14.66 -22.81
N SER A 345 -4.66 15.90 -22.58
CA SER A 345 -5.23 17.03 -23.32
C SER A 345 -4.78 17.02 -24.77
N TRP A 346 -3.48 16.86 -25.00
CA TRP A 346 -2.93 16.81 -26.35
C TRP A 346 -1.62 16.02 -26.38
N ILE A 356 -14.21 3.25 -22.39
CA ILE A 356 -12.89 3.81 -22.17
C ILE A 356 -12.25 3.11 -20.97
N ALA A 357 -12.88 2.01 -20.54
CA ALA A 357 -12.22 1.11 -19.60
C ALA A 357 -11.08 0.33 -20.25
N ALA A 358 -10.82 0.56 -21.55
CA ALA A 358 -9.67 -0.03 -22.21
C ALA A 358 -8.35 0.51 -21.68
N LYS A 359 -8.37 1.60 -20.89
CA LYS A 359 -7.16 2.08 -20.25
C LYS A 359 -6.67 1.09 -19.20
N PHE A 360 -7.53 0.15 -18.79
CA PHE A 360 -7.07 -1.03 -18.08
C PHE A 360 -6.03 -1.78 -18.89
N ALA A 361 -6.36 -2.10 -20.15
CA ALA A 361 -5.45 -2.81 -21.02
C ALA A 361 -4.13 -2.07 -21.19
N LEU A 362 -4.18 -0.74 -21.24
CA LEU A 362 -2.94 0.02 -21.31
C LEU A 362 -2.11 -0.19 -20.05
N GLY A 363 -2.75 -0.20 -18.88
CA GLY A 363 -2.02 -0.49 -17.66
C GLY A 363 -1.49 -1.91 -17.62
N PHE A 364 -2.24 -2.85 -18.18
CA PHE A 364 -1.76 -4.23 -18.30
C PHE A 364 -0.48 -4.28 -19.13
N ALA A 365 -0.46 -3.55 -20.25
CA ALA A 365 0.71 -3.55 -21.12
C ALA A 365 1.89 -2.86 -20.45
N VAL A 366 1.64 -1.77 -19.73
CA VAL A 366 2.73 -1.07 -19.06
C VAL A 366 3.27 -1.89 -17.90
N VAL A 367 2.40 -2.63 -17.21
CA VAL A 367 2.88 -3.57 -16.19
C VAL A 367 3.69 -4.67 -16.85
N ALA A 368 3.26 -5.12 -18.04
CA ALA A 368 4.00 -6.16 -18.75
C ALA A 368 5.41 -5.69 -19.09
N ILE A 369 5.54 -4.52 -19.71
CA ILE A 369 6.86 -4.03 -20.08
C ILE A 369 7.68 -3.72 -18.83
N GLY A 370 7.04 -3.52 -17.68
CA GLY A 370 7.79 -3.35 -16.44
C GLY A 370 8.42 -4.64 -15.97
N PHE A 371 7.67 -5.75 -16.04
CA PHE A 371 8.23 -7.05 -15.70
C PHE A 371 9.30 -7.46 -16.69
N PHE A 372 9.10 -7.14 -17.98
CA PHE A 372 10.11 -7.43 -18.98
C PHE A 372 11.34 -6.55 -18.84
N ILE A 373 11.22 -5.41 -18.18
CA ILE A 373 12.40 -4.62 -17.82
C ILE A 373 13.27 -5.42 -16.84
N TYR A 374 12.64 -6.00 -15.82
CA TYR A 374 13.37 -6.81 -14.85
C TYR A 374 13.93 -8.08 -15.47
N GLY A 375 13.22 -8.64 -16.47
CA GLY A 375 13.78 -9.77 -17.18
C GLY A 375 14.95 -9.37 -18.05
N PHE A 376 14.90 -8.17 -18.62
CA PHE A 376 16.03 -7.62 -19.37
C PHE A 376 17.27 -7.53 -18.50
N ALA A 377 17.08 -7.19 -17.21
CA ALA A 377 18.19 -7.03 -16.28
C ALA A 377 19.14 -8.22 -16.29
N GLY A 378 18.63 -9.42 -16.59
CA GLY A 378 19.48 -10.57 -16.65
C GLY A 378 20.52 -10.48 -17.76
N GLN A 379 20.12 -9.95 -18.92
CA GLN A 379 21.02 -9.93 -20.07
C GLN A 379 22.23 -9.02 -19.85
N PHE A 380 21.99 -7.72 -19.72
CA PHE A 380 23.07 -6.74 -19.80
C PHE A 380 24.05 -6.87 -18.63
N ALA A 381 23.54 -6.91 -17.39
CA ALA A 381 24.38 -6.89 -16.20
C ALA A 381 24.28 -8.23 -15.49
N VAL A 382 25.40 -8.96 -15.44
CA VAL A 382 25.50 -10.21 -14.69
C VAL A 382 26.77 -10.16 -13.85
N ASN A 383 26.60 -10.07 -12.53
CA ASN A 383 27.68 -10.36 -11.59
C ASN A 383 27.15 -11.20 -10.44
N GLY A 384 25.97 -11.80 -10.62
CA GLY A 384 25.14 -12.23 -9.53
C GLY A 384 24.08 -11.20 -9.18
N LYS A 385 24.39 -9.93 -9.40
CA LYS A 385 23.46 -8.83 -9.13
C LYS A 385 23.34 -7.97 -10.38
N THR A 386 22.11 -7.68 -10.78
CA THR A 386 21.87 -6.80 -11.92
C THR A 386 22.16 -5.35 -11.53
N SER A 387 22.11 -4.47 -12.53
CA SER A 387 22.34 -3.06 -12.29
C SER A 387 21.23 -2.47 -11.42
N SER A 388 21.48 -1.26 -10.92
CA SER A 388 20.48 -0.56 -10.13
C SER A 388 19.52 0.25 -11.00
N TRP A 389 19.91 0.59 -12.23
CA TRP A 389 18.99 1.24 -13.15
C TRP A 389 17.74 0.40 -13.39
N VAL A 390 17.82 -0.91 -13.15
CA VAL A 390 16.66 -1.77 -13.29
C VAL A 390 15.52 -1.31 -12.38
N MET A 391 15.85 -0.93 -11.15
CA MET A 391 14.83 -0.48 -10.21
C MET A 391 14.20 0.83 -10.67
N ILE A 392 15.00 1.71 -11.28
CA ILE A 392 14.51 3.02 -11.68
C ILE A 392 13.50 2.89 -12.81
N TRP A 393 13.92 2.28 -13.94
CA TRP A 393 13.02 2.16 -15.07
C TRP A 393 11.86 1.21 -14.76
N GLY A 394 12.07 0.24 -13.88
CA GLY A 394 11.00 -0.62 -13.44
C GLY A 394 9.90 0.15 -12.75
N TYR A 395 10.23 0.78 -11.62
CA TYR A 395 9.23 1.55 -10.88
C TYR A 395 8.62 2.65 -11.73
N ALA A 396 9.34 3.12 -12.75
CA ALA A 396 8.75 4.05 -13.71
C ALA A 396 7.55 3.42 -14.40
N SER A 397 7.72 2.19 -14.89
CA SER A 397 6.63 1.51 -15.58
C SER A 397 5.52 1.12 -14.61
N TYR A 398 5.87 0.57 -13.45
CA TYR A 398 4.86 0.13 -12.49
C TYR A 398 4.01 1.30 -12.00
N SER A 399 4.65 2.42 -11.66
CA SER A 399 3.90 3.59 -11.23
C SER A 399 3.11 4.19 -12.38
N LEU A 400 3.61 4.07 -13.61
CA LEU A 400 2.87 4.56 -14.77
C LEU A 400 1.57 3.78 -14.95
N GLY A 401 1.66 2.45 -14.91
CA GLY A 401 0.47 1.64 -14.93
C GLY A 401 -0.46 1.95 -13.77
N GLU A 402 0.10 1.93 -12.55
CA GLU A 402 -0.68 2.30 -11.37
C GLU A 402 -1.33 3.66 -11.53
N LEU A 403 -0.66 4.58 -12.23
CA LEU A 403 -1.19 5.93 -12.41
C LEU A 403 -2.49 5.91 -13.22
N LEU A 404 -2.49 5.18 -14.33
CA LEU A 404 -3.60 5.24 -15.28
C LEU A 404 -4.63 4.13 -15.09
N VAL A 405 -4.56 3.38 -13.99
CA VAL A 405 -5.58 2.35 -13.73
C VAL A 405 -6.07 2.44 -12.29
N SER A 406 -5.74 3.54 -11.60
CA SER A 406 -6.19 3.74 -10.23
C SER A 406 -7.43 4.62 -10.22
N GLY A 407 -8.37 4.28 -9.34
CA GLY A 407 -9.64 4.99 -9.25
C GLY A 407 -10.80 4.29 -9.92
N LEU A 408 -10.58 3.12 -10.51
CA LEU A 408 -11.66 2.37 -11.16
C LEU A 408 -12.67 1.83 -10.17
N GLY A 409 -12.26 1.64 -8.91
CA GLY A 409 -13.21 1.19 -7.91
C GLY A 409 -14.20 2.25 -7.49
N LEU A 410 -13.85 3.52 -7.67
CA LEU A 410 -14.75 4.60 -7.32
C LEU A 410 -15.87 4.76 -8.34
N ALA A 411 -15.70 4.26 -9.55
CA ALA A 411 -16.68 4.42 -10.62
C ALA A 411 -17.55 3.18 -10.82
N MET A 412 -17.60 2.29 -9.83
CA MET A 412 -18.37 1.06 -9.97
C MET A 412 -19.86 1.36 -10.11
N ILE A 413 -20.56 0.47 -10.80
CA ILE A 413 -21.99 0.60 -11.07
C ILE A 413 -22.32 1.92 -11.75
N GLY A 423 -23.89 -0.15 -3.93
CA GLY A 423 -23.43 -0.09 -2.54
C GLY A 423 -23.08 -1.46 -1.97
N PHE A 424 -24.01 -2.41 -2.13
CA PHE A 424 -23.75 -3.76 -1.66
C PHE A 424 -22.65 -4.44 -2.46
N MET A 425 -22.47 -4.04 -3.72
CA MET A 425 -21.38 -4.56 -4.53
C MET A 425 -20.05 -3.92 -4.18
N MET A 426 -20.08 -2.67 -3.69
CA MET A 426 -18.85 -2.01 -3.25
C MET A 426 -18.10 -2.86 -2.24
N GLY A 427 -18.83 -3.55 -1.36
CA GLY A 427 -18.18 -4.47 -0.45
C GLY A 427 -17.49 -5.61 -1.18
N ALA A 428 -18.17 -6.18 -2.18
CA ALA A 428 -17.57 -7.28 -2.93
C ALA A 428 -16.31 -6.85 -3.67
N TYR A 429 -16.32 -5.61 -4.19
CA TYR A 429 -15.12 -5.10 -4.86
C TYR A 429 -13.98 -4.89 -3.86
N PHE A 430 -14.30 -4.31 -2.70
CA PHE A 430 -13.27 -4.09 -1.68
C PHE A 430 -12.66 -5.41 -1.22
N VAL A 431 -13.51 -6.40 -0.95
CA VAL A 431 -13.01 -7.70 -0.50
C VAL A 431 -12.23 -8.38 -1.61
N ALA A 432 -12.68 -8.25 -2.86
CA ALA A 432 -11.96 -8.85 -3.97
C ALA A 432 -10.56 -8.27 -4.11
N SER A 433 -10.44 -6.95 -3.98
CA SER A 433 -9.13 -6.31 -4.05
C SER A 433 -8.25 -6.71 -2.88
N GLY A 434 -8.83 -6.80 -1.67
CA GLY A 434 -8.08 -7.25 -0.53
C GLY A 434 -7.60 -8.69 -0.69
N ILE A 435 -8.49 -9.57 -1.16
CA ILE A 435 -8.10 -10.96 -1.38
C ILE A 435 -6.97 -11.04 -2.41
N SER A 436 -7.03 -10.21 -3.45
CA SER A 436 -5.99 -10.22 -4.47
C SER A 436 -4.64 -9.76 -3.93
N GLN A 437 -4.63 -8.98 -2.85
CA GLN A 437 -3.36 -8.64 -2.21
C GLN A 437 -2.69 -9.89 -1.66
N TYR A 438 -3.48 -10.77 -1.02
CA TYR A 438 -2.93 -12.02 -0.50
C TYR A 438 -2.56 -12.96 -1.63
N LEU A 439 -3.40 -13.04 -2.66
CA LEU A 439 -3.11 -13.93 -3.79
C LEU A 439 -1.82 -13.51 -4.50
N GLY A 440 -1.61 -12.21 -4.66
CA GLY A 440 -0.32 -11.75 -5.16
C GLY A 440 0.82 -12.13 -4.25
N GLY A 441 0.56 -12.27 -2.96
CA GLY A 441 1.60 -12.70 -2.03
C GLY A 441 1.99 -14.16 -2.23
N VAL A 442 1.03 -15.01 -2.58
CA VAL A 442 1.36 -16.39 -2.87
C VAL A 442 1.99 -16.51 -4.26
N VAL A 443 1.69 -15.57 -5.16
CA VAL A 443 2.36 -15.55 -6.45
C VAL A 443 3.82 -15.18 -6.27
N ALA A 444 4.12 -14.31 -5.31
CA ALA A 444 5.51 -13.97 -5.01
C ALA A 444 6.27 -15.18 -4.46
N ASN A 445 5.57 -16.15 -3.88
CA ASN A 445 6.22 -17.37 -3.41
C ASN A 445 6.72 -18.24 -4.55
N PHE A 446 6.33 -17.95 -5.79
CA PHE A 446 6.95 -18.64 -6.93
C PHE A 446 8.43 -18.33 -7.01
N ALA A 447 8.86 -17.17 -6.51
CA ALA A 447 10.27 -16.84 -6.42
C ALA A 447 10.69 -16.66 -4.97
N SER A 448 10.51 -17.70 -4.17
CA SER A 448 10.98 -17.72 -2.79
C SER A 448 12.28 -18.51 -2.73
N VAL A 449 13.31 -17.90 -2.17
CA VAL A 449 14.65 -18.48 -2.11
C VAL A 449 14.81 -19.16 -0.75
N PRO A 450 15.27 -20.41 -0.71
CA PRO A 450 15.62 -21.01 0.59
C PRO A 450 16.73 -20.22 1.25
N GLN A 451 16.72 -20.22 2.59
CA GLN A 451 17.68 -19.42 3.34
C GLN A 451 19.06 -20.07 3.41
N ASP A 452 19.27 -21.21 2.76
CA ASP A 452 20.59 -21.82 2.65
C ASP A 452 21.28 -21.46 1.35
N LEU A 453 20.70 -20.58 0.55
CA LEU A 453 21.20 -20.22 -0.78
C LEU A 453 21.57 -18.75 -0.76
N VAL A 454 22.82 -18.45 -0.41
CA VAL A 454 23.31 -17.08 -0.32
C VAL A 454 24.03 -16.63 -1.58
N ASP A 455 24.23 -17.53 -2.55
CA ASP A 455 24.91 -17.18 -3.78
C ASP A 455 23.99 -16.37 -4.69
N PRO A 456 24.26 -15.08 -4.89
CA PRO A 456 23.41 -14.30 -5.80
C PRO A 456 23.50 -14.75 -7.24
N LEU A 457 24.58 -15.43 -7.61
CA LEU A 457 24.69 -16.04 -8.93
C LEU A 457 23.57 -17.04 -9.16
N GLN A 458 23.05 -17.64 -8.09
CA GLN A 458 22.01 -18.65 -8.18
C GLN A 458 20.63 -18.15 -7.77
N THR A 459 20.54 -16.99 -7.12
CA THR A 459 19.25 -16.41 -6.79
C THR A 459 18.72 -15.50 -7.90
N LEU A 460 19.56 -15.12 -8.85
CA LEU A 460 19.14 -14.32 -10.00
C LEU A 460 18.21 -15.08 -10.94
N PRO A 461 18.46 -16.37 -11.24
CA PRO A 461 17.53 -17.09 -12.12
C PRO A 461 16.09 -17.10 -11.64
N VAL A 462 15.84 -17.41 -10.37
CA VAL A 462 14.47 -17.57 -9.90
C VAL A 462 13.72 -16.24 -9.95
N TYR A 463 14.41 -15.14 -9.68
CA TYR A 463 13.77 -13.83 -9.76
C TYR A 463 13.45 -13.47 -11.21
N THR A 464 14.45 -13.53 -12.09
CA THR A 464 14.24 -13.18 -13.49
C THR A 464 13.23 -14.10 -14.17
N ASN A 465 13.18 -15.37 -13.76
CA ASN A 465 12.22 -16.30 -14.35
C ASN A 465 10.80 -15.93 -13.96
N LEU A 466 10.58 -15.61 -12.68
CA LEU A 466 9.25 -15.19 -12.25
C LEU A 466 8.83 -13.91 -12.97
N PHE A 467 9.71 -12.91 -13.00
CA PHE A 467 9.35 -11.64 -13.60
C PHE A 467 9.09 -11.77 -15.09
N ASN A 468 9.81 -12.67 -15.78
CA ASN A 468 9.61 -12.82 -17.22
C ASN A 468 8.27 -13.48 -17.52
N LYS A 469 7.95 -14.56 -16.80
CA LYS A 469 6.65 -15.21 -17.00
C LYS A 469 5.51 -14.38 -16.44
N LEU A 470 5.77 -13.51 -15.47
CA LEU A 470 4.74 -12.58 -15.02
C LEU A 470 4.45 -11.54 -16.10
N GLY A 471 5.49 -11.07 -16.78
CA GLY A 471 5.27 -10.16 -17.90
C GLY A 471 4.48 -10.82 -19.01
N VAL A 472 4.70 -12.12 -19.22
CA VAL A 472 3.88 -12.87 -20.17
C VAL A 472 2.43 -12.92 -19.71
N ALA A 473 2.22 -13.11 -18.39
CA ALA A 473 0.87 -13.11 -17.87
C ALA A 473 0.20 -11.76 -18.04
N ALA A 474 0.97 -10.67 -17.93
CA ALA A 474 0.41 -9.34 -18.11
C ALA A 474 0.11 -9.05 -19.57
N VAL A 475 0.91 -9.60 -20.49
CA VAL A 475 0.56 -9.51 -21.90
C VAL A 475 -0.71 -10.30 -22.19
N VAL A 476 -0.87 -11.44 -21.52
CA VAL A 476 -2.13 -12.19 -21.62
C VAL A 476 -3.30 -11.31 -21.17
N CYS A 477 -3.12 -10.62 -20.04
CA CYS A 477 -4.19 -9.73 -19.55
C CYS A 477 -4.44 -8.59 -20.53
N THR A 478 -3.39 -8.10 -21.20
CA THR A 478 -3.59 -7.09 -22.22
C THR A 478 -4.44 -7.63 -23.36
N ILE A 479 -4.15 -8.85 -23.81
CA ILE A 479 -4.95 -9.47 -24.86
C ILE A 479 -6.39 -9.66 -24.41
N ILE A 480 -6.58 -10.00 -23.13
CA ILE A 480 -7.92 -10.22 -22.59
C ILE A 480 -8.74 -8.94 -22.67
N ALA A 481 -8.20 -7.84 -22.12
CA ALA A 481 -8.97 -6.60 -22.07
C ALA A 481 -9.17 -6.01 -23.45
N LEU A 482 -8.18 -6.13 -24.34
CA LEU A 482 -8.34 -5.62 -25.69
C LEU A 482 -9.38 -6.40 -26.47
N ALA A 483 -9.44 -7.72 -26.26
CA ALA A 483 -10.41 -8.54 -26.96
C ALA A 483 -11.82 -8.38 -26.40
N VAL A 484 -11.94 -8.07 -25.10
CA VAL A 484 -13.24 -7.94 -24.47
C VAL A 484 -13.82 -6.53 -24.59
N LEU A 485 -13.09 -5.60 -25.22
CA LEU A 485 -13.58 -4.24 -25.35
C LEU A 485 -14.93 -4.12 -26.08
N PRO A 486 -15.22 -4.90 -27.14
CA PRO A 486 -16.57 -4.84 -27.72
C PRO A 486 -17.68 -5.13 -26.73
N LEU A 487 -17.43 -5.94 -25.71
CA LEU A 487 -18.42 -6.10 -24.65
C LEU A 487 -18.66 -4.79 -23.92
N MET A 488 -17.59 -4.04 -23.63
CA MET A 488 -17.74 -2.77 -22.94
C MET A 488 -18.52 -1.76 -23.79
N ARG A 489 -18.19 -1.68 -25.08
CA ARG A 489 -18.91 -0.78 -25.98
C ARG A 489 -20.36 -1.19 -26.16
N ARG A 490 -20.66 -2.49 -26.02
CA ARG A 490 -22.05 -2.94 -26.00
C ARG A 490 -22.81 -2.33 -24.82
N LEU A 491 -22.14 -2.24 -23.66
CA LEU A 491 -22.84 -1.84 -22.44
C LEU A 491 -23.10 -0.34 -22.37
N THR A 492 -22.40 0.46 -23.17
CA THR A 492 -22.69 1.89 -23.27
C THR A 492 -23.66 2.15 -24.41
#